data_6W2L
#
_entry.id   6W2L
#
_cell.length_a   185.670
_cell.length_b   185.670
_cell.length_c   113.351
_cell.angle_alpha   90.000
_cell.angle_beta   90.000
_cell.angle_gamma   120.000
#
_symmetry.space_group_name_H-M   'H 3 2'
#
loop_
_entity.id
_entity.type
_entity.pdbx_description
1 polymer 'Dehydrodolichyl diphosphate synthase complex subunit DHDDS'
2 polymer 'Dehydrodolichyl diphosphate synthase complex subunit NUS1'
3 non-polymer 'MAGNESIUM ION'
4 non-polymer '3-METHYLBUT-3-ENYL TRIHYDROGEN DIPHOSPHATE'
5 water water
#
loop_
_entity_poly.entity_id
_entity_poly.type
_entity_poly.pdbx_seq_one_letter_code
_entity_poly.pdbx_strand_id
1 'polypeptide(L)'
;ASWIKEGELSLWERFCANIIKAGPMPKHIAFIMDGNRRYAKKCQVERQEGHSQGFNKLAETLRWCLNLGILEVTVYAFSI
ENFKRSKSEVDGLMDLARQKFSRLMEEKEKLQKHGVCIRVLGDLHLLPLDLQELIAQAVQATKNYNKCFLNVCFAYTSRH
EISNAVREMAWGVEQGLLDPSDISESLLDKCLYTNRSPHPDILIRTSGEVRLSDFLLWQTSHSCLVFQPVLWPEYTFWNL
FEAILQFQMNHSMLQKARDMYAEERKRQQLERDQATVTEQLLREGLQASGDAQLRRTRLHKLSARREERVQGFLQALELK
RADWLARLGT
;
A
2 'polypeptide(L)'
;AAHHRMRWRADGRSLEKLPVHMGLVITEVEQEPSFSDIASLVVWCMAVGISYISVYDHQGIFKRNNSRLMDEILKQQQEL
LGLDCSKYSPEFANSNDKDDQVLNCHLAVKVLSPEDGKADIVRAAQDFCQLVAQKQKRPTDLDVDTLASLLSSNGCPDPD
LVLKFGPVDSTLGFLPWHIRLTEIVSLPSHLNISYEDFFSALRQYAACEQRLGK
;
B
#
loop_
_chem_comp.id
_chem_comp.type
_chem_comp.name
_chem_comp.formula
IPE non-polymer '3-METHYLBUT-3-ENYL TRIHYDROGEN DIPHOSPHATE' 'C5 H12 O7 P2'
MG non-polymer 'MAGNESIUM ION' 'Mg 2'
#
# COMPACT_ATOMS: atom_id res chain seq x y z
N ALA A 1 4.18 -9.20 29.36
CA ALA A 1 2.74 -9.30 29.73
C ALA A 1 2.00 -10.22 28.75
N SER A 2 0.71 -10.47 29.02
CA SER A 2 -0.14 -11.30 28.18
C SER A 2 -0.36 -10.65 26.81
N TRP A 3 -1.08 -11.35 25.93
CA TRP A 3 -1.43 -10.85 24.59
C TRP A 3 -2.75 -10.11 24.64
N ILE A 4 -3.64 -10.57 25.54
CA ILE A 4 -4.97 -9.99 25.71
C ILE A 4 -4.98 -9.24 27.04
N LYS A 5 -5.25 -7.92 26.98
CA LYS A 5 -5.25 -7.06 28.15
C LYS A 5 -6.67 -6.56 28.41
N GLU A 6 -7.46 -7.39 29.11
CA GLU A 6 -8.87 -7.16 29.38
C GLU A 6 -9.07 -5.85 30.15
N GLY A 7 -9.74 -4.90 29.51
CA GLY A 7 -9.99 -3.59 30.10
C GLY A 7 -11.28 -2.98 29.56
N GLU A 8 -12.09 -2.41 30.47
CA GLU A 8 -13.31 -1.74 30.08
C GLU A 8 -12.97 -0.26 29.82
N LEU A 9 -13.45 0.29 28.71
CA LEU A 9 -13.26 1.70 28.41
C LEU A 9 -13.81 2.54 29.57
N SER A 10 -13.14 3.68 29.85
CA SER A 10 -13.59 4.59 30.89
C SER A 10 -14.79 5.41 30.42
N LEU A 11 -15.30 6.29 31.30
CA LEU A 11 -16.53 7.04 31.10
C LEU A 11 -16.48 7.90 29.85
N TRP A 12 -15.47 8.77 29.73
CA TRP A 12 -15.39 9.65 28.59
C TRP A 12 -15.11 8.88 27.31
N GLU A 13 -14.24 7.87 27.41
CA GLU A 13 -13.94 6.96 26.31
C GLU A 13 -15.24 6.32 25.79
N ARG A 14 -15.98 5.70 26.72
CA ARG A 14 -17.26 5.04 26.48
C ARG A 14 -18.24 5.99 25.79
N PHE A 15 -18.34 7.22 26.30
CA PHE A 15 -19.33 8.17 25.83
C PHE A 15 -19.00 8.63 24.40
N CYS A 16 -17.76 9.08 24.20
CA CYS A 16 -17.30 9.53 22.90
C CYS A 16 -17.42 8.41 21.86
N ALA A 17 -17.15 7.16 22.30
CA ALA A 17 -17.28 5.99 21.46
C ALA A 17 -18.71 5.84 20.95
N ASN A 18 -19.69 5.93 21.86
CA ASN A 18 -21.10 5.82 21.53
C ASN A 18 -21.50 6.82 20.46
N ILE A 19 -21.08 8.08 20.62
CA ILE A 19 -21.39 9.14 19.66
C ILE A 19 -20.81 8.77 18.29
N ILE A 20 -19.57 8.26 18.29
CA ILE A 20 -18.82 7.97 17.07
C ILE A 20 -19.42 6.74 16.39
N LYS A 21 -19.87 5.75 17.17
CA LYS A 21 -20.40 4.50 16.65
C LYS A 21 -21.72 4.72 15.91
N ALA A 22 -22.26 5.95 16.00
CA ALA A 22 -23.46 6.33 15.28
C ALA A 22 -23.15 6.51 13.79
N GLY A 23 -21.90 6.88 13.47
CA GLY A 23 -21.47 7.05 12.09
C GLY A 23 -20.85 5.78 11.52
N PRO A 24 -20.17 5.84 10.35
CA PRO A 24 -19.47 4.68 9.82
C PRO A 24 -18.25 4.33 10.68
N MET A 25 -18.11 3.05 11.02
CA MET A 25 -16.98 2.58 11.82
C MET A 25 -16.08 1.72 10.95
N PRO A 26 -14.75 1.83 11.08
CA PRO A 26 -13.85 1.03 10.26
C PRO A 26 -14.02 -0.42 10.68
N LYS A 27 -13.79 -1.36 9.75
CA LYS A 27 -13.93 -2.77 10.05
C LYS A 27 -12.55 -3.38 10.21
N HIS A 28 -11.54 -2.65 9.73
CA HIS A 28 -10.18 -3.15 9.71
C HIS A 28 -9.21 -1.98 9.77
N ILE A 29 -8.39 -1.94 10.81
CA ILE A 29 -7.40 -0.90 10.97
C ILE A 29 -6.03 -1.55 10.98
N ALA A 30 -5.06 -0.87 10.33
CA ALA A 30 -3.69 -1.31 10.27
C ALA A 30 -2.79 -0.23 10.86
N PHE A 31 -1.68 -0.65 11.50
CA PHE A 31 -0.81 0.22 12.28
C PHE A 31 0.65 -0.06 11.94
N ILE A 32 1.39 1.02 11.67
CA ILE A 32 2.84 0.96 11.62
C ILE A 32 3.35 1.48 12.95
N MET A 33 3.70 0.52 13.83
CA MET A 33 4.01 0.81 15.23
C MET A 33 5.45 1.31 15.34
N ASP A 34 5.67 2.57 14.95
CA ASP A 34 7.02 3.08 14.76
C ASP A 34 7.36 4.06 15.89
N GLY A 35 8.65 4.10 16.27
CA GLY A 35 9.19 5.10 17.17
C GLY A 35 9.62 4.57 18.55
N ASN A 36 9.80 3.24 18.68
CA ASN A 36 10.14 2.61 19.94
C ASN A 36 11.52 3.04 20.43
N ARG A 37 12.45 3.25 19.48
CA ARG A 37 13.82 3.56 19.85
C ARG A 37 13.92 5.02 20.33
N ARG A 38 13.22 5.92 19.63
CA ARG A 38 13.17 7.33 20.05
C ARG A 38 12.50 7.44 21.42
N TYR A 39 11.55 6.53 21.69
CA TYR A 39 10.86 6.48 22.97
C TYR A 39 11.82 6.07 24.08
N ALA A 40 12.58 4.98 23.86
CA ALA A 40 13.53 4.49 24.84
C ALA A 40 14.55 5.57 25.18
N LYS A 41 15.02 6.29 24.15
CA LYS A 41 15.97 7.39 24.35
C LYS A 41 15.34 8.47 25.23
N LYS A 42 14.11 8.86 24.88
CA LYS A 42 13.33 9.89 25.57
C LYS A 42 13.12 9.52 27.04
N CYS A 43 13.00 8.22 27.32
CA CYS A 43 12.72 7.73 28.66
C CYS A 43 14.01 7.37 29.41
N GLN A 44 15.16 7.53 28.74
CA GLN A 44 16.46 7.15 29.28
C GLN A 44 16.40 5.69 29.71
N VAL A 45 15.98 4.84 28.79
CA VAL A 45 15.79 3.42 29.03
C VAL A 45 16.43 2.67 27.88
N GLU A 46 16.65 1.37 28.07
CA GLU A 46 17.39 0.57 27.11
C GLU A 46 16.50 0.26 25.91
N ARG A 47 17.14 0.07 24.75
CA ARG A 47 16.47 -0.19 23.48
C ARG A 47 15.44 -1.30 23.64
N GLN A 48 15.84 -2.37 24.33
CA GLN A 48 15.01 -3.57 24.39
C GLN A 48 13.73 -3.27 25.16
N GLU A 49 13.83 -2.43 26.19
CA GLU A 49 12.66 -2.04 26.97
C GLU A 49 11.68 -1.26 26.10
N GLY A 50 12.21 -0.33 25.29
CA GLY A 50 11.48 0.35 24.23
C GLY A 50 10.60 -0.60 23.41
N HIS A 51 11.19 -1.71 22.93
CA HIS A 51 10.42 -2.63 22.10
C HIS A 51 9.41 -3.40 22.94
N SER A 52 9.77 -3.68 24.20
CA SER A 52 8.90 -4.41 25.11
C SER A 52 7.68 -3.56 25.42
N GLN A 53 7.94 -2.28 25.72
CA GLN A 53 6.87 -1.32 25.90
C GLN A 53 5.99 -1.28 24.65
N GLY A 54 6.63 -1.33 23.48
CA GLY A 54 5.89 -1.37 22.23
C GLY A 54 4.91 -2.53 22.15
N PHE A 55 5.33 -3.71 22.61
CA PHE A 55 4.46 -4.87 22.61
C PHE A 55 3.32 -4.68 23.62
N ASN A 56 3.61 -4.04 24.75
CA ASN A 56 2.57 -3.77 25.73
C ASN A 56 1.45 -2.91 25.12
N LYS A 57 1.86 -1.89 24.35
CA LYS A 57 0.92 -0.97 23.73
C LYS A 57 0.05 -1.69 22.71
N LEU A 58 0.65 -2.61 21.95
CA LEU A 58 -0.11 -3.39 20.98
C LEU A 58 -1.26 -4.12 21.67
N ALA A 59 -0.96 -4.75 22.81
CA ALA A 59 -1.93 -5.50 23.60
C ALA A 59 -3.04 -4.58 24.10
N GLU A 60 -2.66 -3.39 24.58
CA GLU A 60 -3.59 -2.37 25.05
C GLU A 60 -4.47 -1.88 23.89
N THR A 61 -3.86 -1.71 22.70
CA THR A 61 -4.52 -1.10 21.55
C THR A 61 -5.57 -2.04 20.96
N LEU A 62 -5.24 -3.33 20.92
CA LEU A 62 -6.17 -4.35 20.47
C LEU A 62 -7.41 -4.37 21.35
N ARG A 63 -7.24 -4.14 22.66
CA ARG A 63 -8.38 -4.13 23.56
C ARG A 63 -9.27 -2.92 23.24
N TRP A 64 -8.64 -1.78 22.94
CA TRP A 64 -9.40 -0.60 22.54
C TRP A 64 -10.24 -0.92 21.30
N CYS A 65 -9.61 -1.59 20.33
CA CYS A 65 -10.27 -1.88 19.07
C CYS A 65 -11.46 -2.81 19.32
N LEU A 66 -11.25 -3.83 20.16
CA LEU A 66 -12.28 -4.81 20.48
C LEU A 66 -13.44 -4.12 21.17
N ASN A 67 -13.13 -3.12 22.01
CA ASN A 67 -14.12 -2.38 22.77
C ASN A 67 -14.92 -1.44 21.87
N LEU A 68 -14.39 -1.15 20.68
CA LEU A 68 -15.06 -0.26 19.74
C LEU A 68 -15.79 -1.09 18.68
N GLY A 69 -15.71 -2.41 18.81
CA GLY A 69 -16.32 -3.34 17.87
C GLY A 69 -15.59 -3.40 16.53
N ILE A 70 -14.28 -3.17 16.55
CA ILE A 70 -13.45 -3.27 15.36
C ILE A 70 -12.74 -4.62 15.38
N LEU A 71 -13.15 -5.54 14.49
CA LEU A 71 -12.85 -6.94 14.68
C LEU A 71 -11.53 -7.35 14.02
N GLU A 72 -10.90 -6.45 13.26
CA GLU A 72 -9.70 -6.85 12.55
C GLU A 72 -8.64 -5.75 12.64
N VAL A 73 -7.39 -6.16 12.93
CA VAL A 73 -6.24 -5.29 13.18
C VAL A 73 -4.98 -5.90 12.57
N THR A 74 -4.29 -5.11 11.74
CA THR A 74 -3.03 -5.55 11.17
C THR A 74 -1.94 -4.64 11.71
N VAL A 75 -0.81 -5.23 12.12
CA VAL A 75 0.32 -4.48 12.64
C VAL A 75 1.59 -4.85 11.90
N TYR A 76 2.50 -3.88 11.82
CA TYR A 76 3.86 -4.05 11.32
C TYR A 76 4.83 -4.14 12.50
N ALA A 77 5.29 -5.36 12.77
CA ALA A 77 6.15 -5.66 13.90
C ALA A 77 7.61 -5.72 13.46
N PHE A 78 7.86 -6.28 12.28
CA PHE A 78 9.23 -6.46 11.82
C PHE A 78 9.28 -6.48 10.29
N SER A 79 10.11 -5.58 9.75
CA SER A 79 10.34 -5.49 8.31
C SER A 79 11.59 -6.30 7.94
N ILE A 80 11.60 -6.84 6.73
CA ILE A 80 12.80 -7.45 6.19
C ILE A 80 13.94 -6.43 6.30
N GLU A 81 13.60 -5.18 5.99
CA GLU A 81 14.52 -4.06 6.03
C GLU A 81 15.21 -3.99 7.39
N ASN A 82 14.60 -4.56 8.43
CA ASN A 82 15.05 -4.41 9.82
C ASN A 82 16.23 -5.33 10.13
N PHE A 83 16.41 -6.41 9.34
CA PHE A 83 17.54 -7.31 9.50
C PHE A 83 18.88 -6.59 9.41
N LYS A 84 18.92 -5.39 8.83
CA LYS A 84 20.17 -4.67 8.63
C LYS A 84 20.61 -3.96 9.91
N ARG A 85 19.81 -4.07 10.98
CA ARG A 85 20.17 -3.43 12.23
C ARG A 85 21.27 -4.26 12.91
N SER A 86 21.89 -3.69 13.94
CA SER A 86 22.93 -4.38 14.69
C SER A 86 22.39 -5.71 15.22
N LYS A 87 23.22 -6.75 15.15
CA LYS A 87 22.91 -8.08 15.64
C LYS A 87 22.38 -8.00 17.07
N SER A 88 22.97 -7.11 17.89
CA SER A 88 22.47 -6.84 19.22
C SER A 88 20.97 -6.56 19.21
N GLU A 89 20.55 -5.63 18.33
CA GLU A 89 19.16 -5.23 18.27
C GLU A 89 18.29 -6.36 17.72
N VAL A 90 18.69 -6.96 16.59
CA VAL A 90 17.81 -7.93 15.96
C VAL A 90 17.70 -9.19 16.81
N ASP A 91 18.82 -9.61 17.45
CA ASP A 91 18.75 -10.73 18.38
C ASP A 91 17.75 -10.42 19.49
N GLY A 92 17.85 -9.19 20.04
CA GLY A 92 16.90 -8.70 21.02
C GLY A 92 15.46 -8.78 20.50
N LEU A 93 15.26 -8.36 19.24
CA LEU A 93 13.91 -8.36 18.71
C LEU A 93 13.45 -9.80 18.51
N MET A 94 14.37 -10.64 18.01
CA MET A 94 14.07 -12.05 17.80
C MET A 94 13.72 -12.73 19.12
N ASP A 95 14.40 -12.33 20.20
CA ASP A 95 14.20 -12.93 21.51
C ASP A 95 12.83 -12.54 22.07
N LEU A 96 12.49 -11.24 21.90
CA LEU A 96 11.18 -10.72 22.25
C LEU A 96 10.09 -11.58 21.61
N ALA A 97 10.24 -11.81 20.30
CA ALA A 97 9.25 -12.56 19.53
C ALA A 97 9.10 -13.97 20.10
N ARG A 98 10.22 -14.64 20.37
CA ARG A 98 10.21 -15.97 20.96
C ARG A 98 9.38 -15.95 22.25
N GLN A 99 9.69 -14.99 23.13
CA GLN A 99 9.08 -14.85 24.43
C GLN A 99 7.56 -14.71 24.28
N LYS A 100 7.12 -13.78 23.43
CA LYS A 100 5.72 -13.47 23.27
C LYS A 100 4.96 -14.65 22.67
N PHE A 101 5.50 -15.22 21.59
CA PHE A 101 4.88 -16.35 20.91
C PHE A 101 4.86 -17.59 21.80
N SER A 102 5.87 -17.74 22.67
CA SER A 102 5.92 -18.84 23.63
C SER A 102 4.87 -18.64 24.73
N ARG A 103 4.70 -17.40 25.20
CA ARG A 103 3.74 -17.06 26.23
C ARG A 103 2.32 -17.28 25.73
N LEU A 104 2.12 -17.18 24.41
CA LEU A 104 0.80 -17.30 23.80
C LEU A 104 0.14 -18.63 24.16
N MET A 105 0.94 -19.71 24.22
CA MET A 105 0.48 -21.03 24.58
C MET A 105 -0.16 -21.04 25.97
N GLU A 106 0.48 -20.33 26.91
CA GLU A 106 0.04 -20.24 28.29
C GLU A 106 -1.17 -19.33 28.43
N GLU A 107 -1.76 -18.90 27.30
CA GLU A 107 -2.86 -17.96 27.33
C GLU A 107 -4.05 -18.51 26.55
N LYS A 108 -4.02 -19.82 26.26
CA LYS A 108 -5.01 -20.49 25.43
C LYS A 108 -6.42 -20.26 25.99
N GLU A 109 -6.54 -20.23 27.32
CA GLU A 109 -7.80 -19.98 28.01
C GLU A 109 -8.41 -18.66 27.56
N LYS A 110 -7.59 -17.60 27.57
CA LYS A 110 -8.05 -16.25 27.29
C LYS A 110 -8.30 -16.07 25.80
N LEU A 111 -7.55 -16.81 24.98
CA LEU A 111 -7.65 -16.74 23.53
C LEU A 111 -8.99 -17.32 23.08
N GLN A 112 -9.40 -18.45 23.68
CA GLN A 112 -10.69 -19.04 23.40
C GLN A 112 -11.80 -18.13 23.92
N LYS A 113 -11.66 -17.68 25.17
CA LYS A 113 -12.69 -16.87 25.80
C LYS A 113 -12.91 -15.60 24.98
N HIS A 114 -11.81 -15.02 24.48
CA HIS A 114 -11.89 -13.75 23.77
C HIS A 114 -12.02 -13.96 22.27
N GLY A 115 -11.60 -15.15 21.80
CA GLY A 115 -11.81 -15.56 20.42
C GLY A 115 -10.90 -14.81 19.45
N VAL A 116 -9.58 -14.84 19.72
CA VAL A 116 -8.63 -14.05 18.98
C VAL A 116 -7.83 -14.95 18.03
N CYS A 117 -8.02 -14.74 16.72
CA CYS A 117 -7.24 -15.46 15.74
C CYS A 117 -5.99 -14.67 15.39
N ILE A 118 -4.82 -15.33 15.46
CA ILE A 118 -3.54 -14.68 15.22
C ILE A 118 -2.92 -15.25 13.94
N ARG A 119 -2.61 -14.34 13.01
CA ARG A 119 -1.94 -14.72 11.78
C ARG A 119 -0.64 -13.95 11.68
N VAL A 120 0.39 -14.59 11.12
CA VAL A 120 1.70 -13.97 11.02
C VAL A 120 2.12 -13.97 9.55
N LEU A 121 2.11 -12.77 8.95
CA LEU A 121 2.29 -12.58 7.53
C LEU A 121 3.69 -12.04 7.28
N GLY A 122 4.36 -12.63 6.28
CA GLY A 122 5.72 -12.26 5.94
C GLY A 122 6.40 -13.37 5.15
N ASP A 123 7.70 -13.15 4.89
CA ASP A 123 8.59 -14.15 4.31
C ASP A 123 9.25 -14.90 5.46
N LEU A 124 8.47 -15.73 6.15
CA LEU A 124 8.84 -16.29 7.45
C LEU A 124 10.10 -17.16 7.37
N HIS A 125 10.35 -17.74 6.20
CA HIS A 125 11.51 -18.58 5.94
C HIS A 125 12.83 -17.87 6.27
N LEU A 126 12.78 -16.54 6.42
CA LEU A 126 13.99 -15.76 6.67
C LEU A 126 14.29 -15.70 8.16
N LEU A 127 13.35 -16.19 8.97
CA LEU A 127 13.50 -16.16 10.43
C LEU A 127 14.31 -17.37 10.89
N PRO A 128 14.89 -17.32 12.11
CA PRO A 128 15.47 -18.50 12.75
C PRO A 128 14.45 -19.62 12.87
N LEU A 129 14.92 -20.85 12.62
CA LEU A 129 14.09 -22.04 12.50
C LEU A 129 13.22 -22.24 13.74
N ASP A 130 13.79 -21.99 14.92
CA ASP A 130 13.04 -22.11 16.17
C ASP A 130 11.84 -21.17 16.16
N LEU A 131 12.04 -19.94 15.64
CA LEU A 131 10.99 -18.93 15.64
C LEU A 131 9.85 -19.35 14.72
N GLN A 132 10.20 -19.90 13.55
CA GLN A 132 9.19 -20.35 12.59
C GLN A 132 8.25 -21.34 13.26
N GLU A 133 8.86 -22.33 13.95
CA GLU A 133 8.11 -23.37 14.62
C GLU A 133 7.21 -22.76 15.68
N LEU A 134 7.77 -21.84 16.48
CA LEU A 134 7.01 -21.12 17.50
C LEU A 134 5.78 -20.45 16.89
N ILE A 135 6.00 -19.63 15.85
CA ILE A 135 4.93 -18.89 15.18
C ILE A 135 3.87 -19.87 14.67
N ALA A 136 4.33 -20.94 14.02
CA ALA A 136 3.47 -21.92 13.37
C ALA A 136 2.48 -22.52 14.37
N GLN A 137 2.97 -22.84 15.58
CA GLN A 137 2.13 -23.45 16.61
C GLN A 137 1.08 -22.43 17.04
N ALA A 138 1.53 -21.18 17.24
CA ALA A 138 0.69 -20.07 17.63
C ALA A 138 -0.47 -19.93 16.64
N VAL A 139 -0.14 -19.97 15.35
CA VAL A 139 -1.13 -19.82 14.29
C VAL A 139 -2.11 -20.99 14.30
N GLN A 140 -1.61 -22.23 14.42
CA GLN A 140 -2.44 -23.43 14.37
C GLN A 140 -3.39 -23.45 15.56
N ALA A 141 -2.92 -22.94 16.70
CA ALA A 141 -3.66 -22.95 17.95
C ALA A 141 -4.91 -22.06 17.89
N THR A 142 -4.86 -21.00 17.07
CA THR A 142 -5.92 -19.98 17.09
C THR A 142 -6.75 -20.02 15.81
N LYS A 143 -6.34 -20.88 14.86
CA LYS A 143 -6.86 -20.86 13.50
C LYS A 143 -8.39 -20.91 13.46
N ASN A 144 -9.01 -21.45 14.53
CA ASN A 144 -10.45 -21.70 14.51
C ASN A 144 -11.20 -20.66 15.33
N TYR A 145 -10.50 -19.62 15.79
CA TYR A 145 -11.16 -18.53 16.52
C TYR A 145 -11.63 -17.47 15.53
N ASN A 146 -12.64 -16.67 15.93
CA ASN A 146 -13.41 -15.91 14.96
C ASN A 146 -13.90 -14.56 15.50
N LYS A 147 -13.64 -14.24 16.78
CA LYS A 147 -14.26 -13.07 17.39
C LYS A 147 -13.41 -11.82 17.19
N CYS A 148 -12.16 -12.00 16.75
CA CYS A 148 -11.20 -10.92 16.65
C CYS A 148 -9.98 -11.40 15.87
N PHE A 149 -9.56 -10.61 14.87
CA PHE A 149 -8.43 -10.96 14.03
C PHE A 149 -7.28 -9.97 14.22
N LEU A 150 -6.11 -10.52 14.58
CA LEU A 150 -4.86 -9.78 14.64
C LEU A 150 -3.88 -10.39 13.64
N ASN A 151 -3.41 -9.55 12.70
CA ASN A 151 -2.40 -9.94 11.73
C ASN A 151 -1.11 -9.23 12.11
N VAL A 152 -0.10 -10.03 12.47
CA VAL A 152 1.21 -9.47 12.77
C VAL A 152 2.08 -9.65 11.52
N CYS A 153 2.57 -8.53 10.97
CA CYS A 153 3.46 -8.57 9.83
C CYS A 153 4.90 -8.67 10.31
N PHE A 154 5.50 -9.84 10.09
CA PHE A 154 6.82 -10.15 10.62
C PHE A 154 7.70 -10.72 9.51
N ALA A 155 8.92 -10.16 9.37
CA ALA A 155 9.76 -10.39 8.21
C ALA A 155 8.95 -10.10 6.94
N TYR A 156 8.37 -8.90 6.89
CA TYR A 156 7.42 -8.51 5.87
C TYR A 156 7.94 -7.28 5.11
N THR A 157 7.72 -7.26 3.79
CA THR A 157 7.58 -6.03 3.04
C THR A 157 6.46 -6.22 2.03
N SER A 158 5.98 -5.08 1.51
CA SER A 158 4.88 -5.03 0.58
C SER A 158 5.32 -5.61 -0.76
N ARG A 159 6.51 -5.19 -1.20
CA ARG A 159 7.09 -5.61 -2.46
C ARG A 159 7.27 -7.13 -2.46
N HIS A 160 7.95 -7.66 -1.43
CA HIS A 160 8.04 -9.09 -1.21
C HIS A 160 6.68 -9.76 -1.29
N GLU A 161 5.66 -9.19 -0.64
CA GLU A 161 4.35 -9.83 -0.60
C GLU A 161 3.76 -9.87 -2.01
N ILE A 162 4.05 -8.81 -2.79
CA ILE A 162 3.48 -8.61 -4.11
C ILE A 162 4.14 -9.59 -5.10
N SER A 163 5.48 -9.54 -5.14
CA SER A 163 6.29 -10.47 -5.92
C SER A 163 5.85 -11.91 -5.63
N ASN A 164 5.84 -12.27 -4.34
CA ASN A 164 5.40 -13.60 -3.91
C ASN A 164 4.06 -13.93 -4.56
N ALA A 165 3.15 -12.96 -4.60
CA ALA A 165 1.81 -13.22 -5.10
C ALA A 165 1.86 -13.48 -6.61
N VAL A 166 2.80 -12.83 -7.31
CA VAL A 166 2.87 -13.04 -8.75
C VAL A 166 3.55 -14.38 -9.02
N ARG A 167 4.68 -14.61 -8.33
CA ARG A 167 5.36 -15.90 -8.32
C ARG A 167 4.36 -17.03 -8.11
N GLU A 168 3.40 -16.82 -7.19
CA GLU A 168 2.44 -17.86 -6.86
C GLU A 168 1.60 -18.14 -8.09
N MET A 169 1.29 -17.10 -8.87
CA MET A 169 0.42 -17.31 -10.02
C MET A 169 1.23 -17.72 -11.25
N ALA A 170 2.56 -17.49 -11.21
CA ALA A 170 3.47 -18.04 -12.20
C ALA A 170 3.68 -19.53 -11.91
N TRP A 171 3.66 -19.90 -10.63
CA TRP A 171 3.70 -21.30 -10.20
C TRP A 171 2.46 -22.01 -10.72
N GLY A 172 1.32 -21.32 -10.66
CA GLY A 172 0.07 -21.83 -11.20
C GLY A 172 0.22 -22.10 -12.69
N VAL A 173 0.98 -21.22 -13.36
CA VAL A 173 1.19 -21.34 -14.80
C VAL A 173 2.06 -22.57 -15.08
N GLU A 174 3.25 -22.61 -14.47
CA GLU A 174 4.19 -23.72 -14.61
C GLU A 174 3.51 -25.04 -14.26
N GLN A 175 2.71 -25.04 -13.18
CA GLN A 175 2.01 -26.25 -12.76
C GLN A 175 0.76 -26.44 -13.62
N GLY A 176 0.61 -25.61 -14.65
CA GLY A 176 -0.46 -25.72 -15.63
C GLY A 176 -1.85 -25.55 -15.04
N LEU A 177 -1.96 -24.79 -13.94
CA LEU A 177 -3.24 -24.51 -13.31
C LEU A 177 -3.76 -23.15 -13.79
N LEU A 178 -2.83 -22.29 -14.22
CA LEU A 178 -3.19 -20.95 -14.67
C LEU A 178 -2.68 -20.72 -16.09
N ASP A 179 -3.56 -20.16 -16.92
CA ASP A 179 -3.19 -19.63 -18.23
C ASP A 179 -3.04 -18.12 -18.12
N PRO A 180 -1.94 -17.55 -18.68
CA PRO A 180 -1.66 -16.12 -18.54
C PRO A 180 -2.84 -15.16 -18.54
N SER A 181 -3.89 -15.50 -19.30
CA SER A 181 -5.01 -14.61 -19.58
C SER A 181 -6.00 -14.56 -18.42
N ASP A 182 -5.62 -15.16 -17.28
CA ASP A 182 -6.51 -15.28 -16.14
C ASP A 182 -6.01 -14.41 -14.98
N ILE A 183 -4.74 -13.99 -15.08
CA ILE A 183 -4.08 -13.11 -14.14
C ILE A 183 -4.76 -11.74 -14.15
N SER A 184 -5.23 -11.29 -12.98
CA SER A 184 -6.01 -10.07 -12.88
C SER A 184 -5.87 -9.46 -11.47
N GLU A 185 -6.63 -8.37 -11.25
CA GLU A 185 -6.65 -7.63 -10.00
C GLU A 185 -7.04 -8.58 -8.87
N SER A 186 -8.23 -9.18 -8.98
CA SER A 186 -8.76 -10.10 -7.99
C SER A 186 -7.74 -11.20 -7.68
N LEU A 187 -7.22 -11.84 -8.74
CA LEU A 187 -6.40 -13.02 -8.52
C LEU A 187 -5.17 -12.63 -7.71
N LEU A 188 -4.61 -11.46 -8.00
CA LEU A 188 -3.44 -10.99 -7.26
C LEU A 188 -3.82 -10.76 -5.80
N ASP A 189 -4.94 -10.04 -5.56
CA ASP A 189 -5.48 -9.88 -4.22
C ASP A 189 -5.38 -11.19 -3.46
N LYS A 190 -5.88 -12.26 -4.11
CA LYS A 190 -6.13 -13.53 -3.46
C LYS A 190 -4.84 -14.31 -3.23
N CYS A 191 -3.70 -13.80 -3.72
CA CYS A 191 -2.43 -14.49 -3.54
C CYS A 191 -1.53 -13.73 -2.57
N LEU A 192 -2.07 -12.66 -1.98
CA LEU A 192 -1.35 -11.95 -0.93
C LEU A 192 -1.51 -12.76 0.36
N TYR A 193 -0.53 -12.58 1.26
CA TYR A 193 -0.63 -13.05 2.64
C TYR A 193 -1.95 -12.61 3.28
N THR A 194 -2.50 -11.47 2.83
CA THR A 194 -3.60 -10.83 3.55
C THR A 194 -4.94 -11.31 3.00
N ASN A 195 -4.91 -12.35 2.16
CA ASN A 195 -6.06 -12.72 1.34
C ASN A 195 -7.32 -13.00 2.16
N ARG A 196 -7.18 -13.32 3.44
CA ARG A 196 -8.36 -13.65 4.24
C ARG A 196 -9.07 -12.37 4.69
N SER A 197 -8.35 -11.24 4.63
CA SER A 197 -8.80 -9.96 5.17
C SER A 197 -9.26 -9.02 4.05
N PRO A 198 -10.31 -8.20 4.30
CA PRO A 198 -10.58 -7.04 3.44
C PRO A 198 -9.49 -5.99 3.65
N HIS A 199 -9.35 -5.09 2.66
CA HIS A 199 -8.36 -4.02 2.70
C HIS A 199 -8.65 -3.14 3.91
N PRO A 200 -7.61 -2.56 4.56
CA PRO A 200 -7.79 -1.82 5.81
C PRO A 200 -8.47 -0.48 5.56
N ASP A 201 -9.49 -0.15 6.36
CA ASP A 201 -10.18 1.12 6.25
C ASP A 201 -9.23 2.26 6.59
N ILE A 202 -8.38 2.04 7.61
CA ILE A 202 -7.46 3.07 8.11
C ILE A 202 -6.07 2.46 8.19
N LEU A 203 -5.08 3.25 7.77
CA LEU A 203 -3.69 2.97 8.06
C LEU A 203 -3.11 4.11 8.89
N ILE A 204 -2.51 3.75 10.03
CA ILE A 204 -1.97 4.70 10.99
C ILE A 204 -0.47 4.47 11.10
N ARG A 205 0.31 5.55 11.02
CA ARG A 205 1.72 5.51 11.34
C ARG A 205 2.00 6.47 12.49
N THR A 206 2.78 6.00 13.48
CA THR A 206 2.94 6.65 14.77
C THR A 206 4.09 7.64 14.83
N SER A 207 5.21 7.39 14.19
CA SER A 207 6.18 8.46 14.32
C SER A 207 5.63 9.74 13.67
N GLY A 208 6.38 10.83 13.75
CA GLY A 208 6.02 11.91 12.84
C GLY A 208 6.35 11.63 11.36
N GLU A 209 6.52 10.36 10.96
CA GLU A 209 7.03 10.04 9.63
C GLU A 209 5.90 10.01 8.60
N VAL A 210 6.15 10.62 7.42
CA VAL A 210 5.12 10.72 6.40
C VAL A 210 5.48 9.82 5.21
N ARG A 211 5.83 8.57 5.50
CA ARG A 211 6.05 7.55 4.50
C ARG A 211 5.41 6.24 4.96
N LEU A 212 5.12 5.35 4.01
CA LEU A 212 4.48 4.08 4.30
C LEU A 212 5.51 3.02 4.69
N SER A 213 6.78 3.25 4.30
CA SER A 213 7.87 2.32 4.54
C SER A 213 7.52 0.89 4.11
N ASP A 214 7.05 0.73 2.86
CA ASP A 214 6.90 -0.58 2.23
C ASP A 214 5.89 -1.40 3.02
N PHE A 215 4.72 -0.83 3.33
CA PHE A 215 3.72 -1.52 4.13
C PHE A 215 2.34 -1.46 3.49
N LEU A 216 1.76 -2.64 3.22
CA LEU A 216 0.43 -2.80 2.62
C LEU A 216 0.18 -1.81 1.49
N LEU A 217 1.11 -1.70 0.54
CA LEU A 217 1.00 -0.73 -0.55
C LEU A 217 -0.22 -1.06 -1.42
N TRP A 218 -0.41 -2.35 -1.71
CA TRP A 218 -1.54 -2.79 -2.51
C TRP A 218 -2.84 -2.60 -1.73
N GLN A 219 -2.82 -2.91 -0.42
CA GLN A 219 -4.07 -3.00 0.31
C GLN A 219 -4.59 -1.62 0.71
N THR A 220 -3.70 -0.64 0.90
CA THR A 220 -4.08 0.63 1.50
C THR A 220 -4.14 1.77 0.48
N SER A 221 -4.34 1.44 -0.80
CA SER A 221 -4.24 2.42 -1.87
C SER A 221 -5.42 3.40 -1.81
N HIS A 222 -6.56 2.90 -1.31
CA HIS A 222 -7.78 3.66 -1.22
C HIS A 222 -8.20 3.80 0.25
N SER A 223 -7.22 3.74 1.15
CA SER A 223 -7.61 3.79 2.55
C SER A 223 -7.14 5.09 3.20
N CYS A 224 -7.69 5.35 4.39
CA CYS A 224 -7.50 6.61 5.07
C CYS A 224 -6.13 6.62 5.75
N LEU A 225 -5.23 7.49 5.27
CA LEU A 225 -3.90 7.56 5.85
C LEU A 225 -3.89 8.58 6.99
N VAL A 226 -3.51 8.12 8.17
CA VAL A 226 -3.42 8.98 9.34
C VAL A 226 -1.99 8.90 9.84
N PHE A 227 -1.28 10.04 9.81
CA PHE A 227 0.05 10.18 10.36
C PHE A 227 -0.03 10.99 11.65
N GLN A 228 0.31 10.38 12.79
CA GLN A 228 0.23 11.05 14.07
C GLN A 228 1.62 11.13 14.69
N PRO A 229 2.05 12.30 15.21
CA PRO A 229 3.39 12.45 15.77
C PRO A 229 3.80 11.61 16.99
N VAL A 230 2.83 11.06 17.73
CA VAL A 230 3.10 10.33 18.97
C VAL A 230 3.96 9.09 18.70
N LEU A 231 4.98 8.86 19.54
CA LEU A 231 5.75 7.62 19.48
C LEU A 231 4.90 6.43 19.92
N TRP A 232 5.06 5.30 19.22
CA TRP A 232 4.15 4.16 19.37
C TRP A 232 3.94 3.78 20.83
N PRO A 233 5.00 3.63 21.67
CA PRO A 233 4.79 3.13 23.03
C PRO A 233 3.99 4.10 23.88
N GLU A 234 3.67 5.28 23.31
CA GLU A 234 2.97 6.32 24.04
C GLU A 234 1.56 6.51 23.47
N TYR A 235 1.15 5.61 22.58
CA TYR A 235 -0.14 5.74 21.93
C TYR A 235 -1.26 5.71 22.98
N THR A 236 -2.32 6.49 22.74
CA THR A 236 -3.44 6.54 23.66
C THR A 236 -4.73 6.26 22.89
N PHE A 237 -5.78 5.95 23.65
CA PHE A 237 -7.13 5.78 23.15
C PHE A 237 -7.53 6.98 22.29
N TRP A 238 -7.09 8.18 22.70
CA TRP A 238 -7.49 9.41 22.03
C TRP A 238 -6.80 9.53 20.67
N ASN A 239 -5.55 9.06 20.59
CA ASN A 239 -4.87 9.01 19.31
C ASN A 239 -5.72 8.17 18.36
N LEU A 240 -6.14 7.01 18.85
CA LEU A 240 -6.92 6.09 18.06
C LEU A 240 -8.21 6.79 17.65
N PHE A 241 -8.81 7.47 18.63
CA PHE A 241 -10.10 8.12 18.44
C PHE A 241 -10.00 9.16 17.33
N GLU A 242 -8.89 9.91 17.32
CA GLU A 242 -8.63 10.91 16.30
C GLU A 242 -8.55 10.27 14.92
N ALA A 243 -7.93 9.08 14.85
CA ALA A 243 -7.81 8.31 13.62
C ALA A 243 -9.19 8.03 13.05
N ILE A 244 -10.09 7.52 13.89
CA ILE A 244 -11.43 7.13 13.46
C ILE A 244 -12.21 8.36 13.00
N LEU A 245 -11.99 9.49 13.68
CA LEU A 245 -12.62 10.75 13.33
C LEU A 245 -12.18 11.19 11.93
N GLN A 246 -10.90 11.02 11.60
CA GLN A 246 -10.42 11.24 10.25
C GLN A 246 -11.14 10.32 9.27
N PHE A 247 -11.26 9.05 9.63
CA PHE A 247 -11.87 8.09 8.74
C PHE A 247 -13.30 8.55 8.44
N GLN A 248 -14.03 8.96 9.49
CA GLN A 248 -15.42 9.36 9.33
C GLN A 248 -15.56 10.58 8.42
N MET A 249 -14.58 11.48 8.45
CA MET A 249 -14.61 12.70 7.67
C MET A 249 -14.39 12.36 6.20
N ASN A 250 -13.58 11.33 5.93
CA ASN A 250 -13.17 10.96 4.59
C ASN A 250 -14.15 9.96 3.97
N HIS A 251 -15.05 9.38 4.77
CA HIS A 251 -15.74 8.15 4.40
C HIS A 251 -16.52 8.27 3.10
N SER A 252 -17.30 9.36 2.97
CA SER A 252 -18.16 9.55 1.81
C SER A 252 -17.32 9.59 0.53
N MET A 253 -16.24 10.37 0.56
CA MET A 253 -15.41 10.63 -0.60
C MET A 253 -14.66 9.36 -1.01
N LEU A 254 -14.14 8.62 -0.02
CA LEU A 254 -13.38 7.41 -0.27
C LEU A 254 -14.30 6.30 -0.78
N GLN A 255 -15.57 6.32 -0.33
CA GLN A 255 -16.54 5.36 -0.85
C GLN A 255 -16.81 5.64 -2.33
N LYS A 256 -17.20 6.87 -2.67
CA LYS A 256 -17.40 7.27 -4.05
C LYS A 256 -16.21 6.83 -4.91
N ALA A 257 -15.00 7.12 -4.41
CA ALA A 257 -13.78 6.79 -5.14
C ALA A 257 -13.67 5.28 -5.35
N ARG A 258 -13.93 4.48 -4.30
CA ARG A 258 -13.76 3.04 -4.34
C ARG A 258 -14.74 2.39 -5.31
N ASP A 259 -15.99 2.88 -5.34
CA ASP A 259 -17.01 2.39 -6.26
C ASP A 259 -16.63 2.77 -7.69
N MET A 260 -16.25 4.04 -7.91
CA MET A 260 -15.86 4.50 -9.23
C MET A 260 -14.80 3.57 -9.81
N TYR A 261 -13.81 3.23 -8.97
CA TYR A 261 -12.66 2.45 -9.40
C TYR A 261 -13.10 1.03 -9.71
N ALA A 262 -14.09 0.53 -8.96
CA ALA A 262 -14.61 -0.80 -9.12
C ALA A 262 -15.43 -0.88 -10.42
N GLU A 263 -16.28 0.14 -10.61
CA GLU A 263 -17.16 0.21 -11.78
C GLU A 263 -16.32 0.34 -13.05
N GLU A 264 -15.20 1.07 -12.96
CA GLU A 264 -14.33 1.28 -14.10
C GLU A 264 -13.54 0.01 -14.41
N ARG A 265 -13.34 -0.84 -13.40
CA ARG A 265 -12.56 -2.05 -13.60
C ARG A 265 -13.42 -3.14 -14.24
N LYS A 266 -14.68 -3.26 -13.79
CA LYS A 266 -15.63 -4.19 -14.37
C LYS A 266 -15.88 -3.81 -15.83
N ARG A 267 -15.92 -2.51 -16.12
CA ARG A 267 -16.11 -1.97 -17.46
C ARG A 267 -14.94 -2.37 -18.35
N GLN A 268 -13.70 -2.08 -17.91
CA GLN A 268 -12.51 -2.32 -18.70
C GLN A 268 -12.23 -3.81 -18.85
N GLN A 269 -12.98 -4.62 -18.09
CA GLN A 269 -12.88 -6.07 -18.15
C GLN A 269 -13.86 -6.60 -19.19
N LEU A 270 -15.13 -6.19 -19.04
CA LEU A 270 -16.18 -6.57 -19.98
C LEU A 270 -15.81 -6.07 -21.37
N GLU A 271 -14.93 -5.06 -21.43
CA GLU A 271 -14.44 -4.51 -22.69
C GLU A 271 -13.37 -5.44 -23.27
N ARG A 272 -12.32 -5.72 -22.50
CA ARG A 272 -11.19 -6.51 -22.98
C ARG A 272 -11.64 -7.95 -23.27
N ASP A 273 -12.75 -8.36 -22.67
CA ASP A 273 -13.32 -9.68 -22.89
C ASP A 273 -14.04 -9.72 -24.23
N GLN A 274 -15.04 -8.84 -24.38
CA GLN A 274 -15.87 -8.77 -25.57
C GLN A 274 -15.00 -8.68 -26.82
N ALA A 275 -13.80 -8.10 -26.68
CA ALA A 275 -12.88 -7.95 -27.80
C ALA A 275 -12.23 -9.29 -28.14
N THR A 276 -11.88 -10.09 -27.13
CA THR A 276 -11.27 -11.39 -27.37
C THR A 276 -12.25 -12.29 -28.13
N VAL A 277 -13.53 -12.17 -27.79
CA VAL A 277 -14.60 -12.90 -28.44
C VAL A 277 -14.72 -12.50 -29.91
N THR A 278 -14.24 -11.29 -30.26
CA THR A 278 -14.34 -10.81 -31.63
C THR A 278 -13.29 -11.45 -32.54
N GLU A 279 -12.01 -11.42 -32.14
CA GLU A 279 -10.92 -11.93 -32.97
C GLU A 279 -11.21 -13.39 -33.35
N GLN A 280 -11.78 -14.14 -32.40
CA GLN A 280 -12.04 -15.56 -32.55
C GLN A 280 -13.12 -15.79 -33.61
N LEU A 281 -14.13 -14.91 -33.64
CA LEU A 281 -15.30 -15.07 -34.49
C LEU A 281 -15.04 -14.52 -35.89
N LEU A 282 -14.13 -13.53 -35.99
CA LEU A 282 -13.74 -12.98 -37.27
C LEU A 282 -12.80 -13.96 -37.99
N ARG A 283 -11.93 -14.61 -37.21
CA ARG A 283 -10.99 -15.60 -37.74
C ARG A 283 -11.71 -16.91 -38.05
N GLU A 284 -12.88 -17.12 -37.42
CA GLU A 284 -13.70 -18.29 -37.65
C GLU A 284 -14.58 -18.07 -38.89
N GLY A 285 -15.21 -16.89 -38.96
CA GLY A 285 -16.02 -16.51 -40.10
C GLY A 285 -17.34 -15.87 -39.70
N LEU A 286 -18.09 -16.58 -38.83
CA LEU A 286 -19.43 -16.17 -38.39
C LEU A 286 -19.33 -14.89 -37.56
N GLN A 287 -20.23 -13.93 -37.85
CA GLN A 287 -20.27 -12.65 -37.16
C GLN A 287 -21.64 -12.00 -37.40
N GLY A 290 -23.63 -10.40 -34.66
CA GLY A 290 -24.60 -11.46 -34.34
C GLY A 290 -26.01 -10.92 -34.16
N ASP A 291 -27.00 -11.82 -34.16
CA ASP A 291 -28.40 -11.47 -34.02
C ASP A 291 -29.19 -12.59 -33.34
N ALA A 292 -28.47 -13.63 -32.88
CA ALA A 292 -29.07 -14.77 -32.20
C ALA A 292 -28.27 -15.09 -30.92
N GLN A 293 -27.80 -14.04 -30.24
CA GLN A 293 -27.09 -14.10 -28.96
C GLN A 293 -25.81 -14.94 -29.07
N LEU A 294 -25.04 -14.73 -30.15
CA LEU A 294 -23.83 -15.49 -30.40
C LEU A 294 -22.69 -15.01 -29.50
N ARG A 295 -22.47 -13.69 -29.47
CA ARG A 295 -21.45 -13.06 -28.63
C ARG A 295 -21.78 -13.28 -27.16
N ARG A 296 -23.08 -13.25 -26.84
CA ARG A 296 -23.57 -13.36 -25.47
C ARG A 296 -23.23 -14.73 -24.88
N THR A 297 -23.21 -15.77 -25.72
CA THR A 297 -22.96 -17.14 -25.32
C THR A 297 -21.45 -17.40 -25.18
N ARG A 298 -20.65 -16.71 -26.00
CA ARG A 298 -19.20 -16.81 -25.96
C ARG A 298 -18.65 -16.08 -24.74
N LEU A 299 -19.48 -15.19 -24.15
CA LEU A 299 -19.11 -14.42 -22.97
C LEU A 299 -19.33 -15.25 -21.71
N HIS A 300 -20.48 -15.95 -21.63
CA HIS A 300 -20.77 -16.85 -20.52
C HIS A 300 -19.68 -17.92 -20.42
N LYS A 301 -19.14 -18.33 -21.57
CA LYS A 301 -18.14 -19.39 -21.65
C LYS A 301 -16.80 -18.93 -21.07
N LEU A 302 -16.29 -17.80 -21.58
CA LEU A 302 -15.00 -17.27 -21.17
C LEU A 302 -15.00 -16.98 -19.67
N SER A 303 -16.15 -16.56 -19.15
CA SER A 303 -16.32 -16.25 -17.74
C SER A 303 -16.20 -17.52 -16.90
N ALA A 304 -17.02 -18.53 -17.24
CA ALA A 304 -17.11 -19.78 -16.50
C ALA A 304 -15.81 -20.58 -16.61
N ARG A 305 -15.09 -20.40 -17.71
CA ARG A 305 -13.77 -20.99 -17.85
C ARG A 305 -12.87 -20.47 -16.74
N ARG A 306 -12.89 -19.14 -16.56
CA ARG A 306 -12.07 -18.47 -15.56
C ARG A 306 -12.48 -18.94 -14.17
N GLU A 307 -13.78 -18.81 -13.85
CA GLU A 307 -14.31 -19.15 -12.53
C GLU A 307 -13.83 -20.54 -12.11
N GLU A 308 -13.95 -21.52 -13.01
CA GLU A 308 -13.62 -22.91 -12.73
C GLU A 308 -12.12 -23.07 -12.51
N ARG A 309 -11.31 -22.34 -13.30
CA ARG A 309 -9.89 -22.56 -13.39
C ARG A 309 -9.14 -21.77 -12.32
N VAL A 310 -9.75 -20.66 -11.86
CA VAL A 310 -9.17 -19.81 -10.83
C VAL A 310 -9.49 -20.42 -9.46
N GLN A 311 -10.75 -20.88 -9.33
CA GLN A 311 -11.18 -21.63 -8.15
C GLN A 311 -10.26 -22.84 -7.95
N GLY A 312 -9.84 -23.46 -9.07
CA GLY A 312 -8.92 -24.57 -9.05
C GLY A 312 -7.51 -24.17 -8.61
N PHE A 313 -7.04 -23.01 -9.07
CA PHE A 313 -5.74 -22.51 -8.69
C PHE A 313 -5.72 -22.19 -7.20
N LEU A 314 -6.88 -21.73 -6.70
CA LEU A 314 -6.94 -21.18 -5.36
C LEU A 314 -6.84 -22.30 -4.32
N GLN A 315 -7.67 -23.35 -4.48
CA GLN A 315 -7.71 -24.47 -3.55
C GLN A 315 -6.32 -25.13 -3.47
N ALA A 316 -5.55 -25.05 -4.56
CA ALA A 316 -4.22 -25.63 -4.60
C ALA A 316 -3.20 -24.71 -3.91
N LEU A 317 -3.51 -23.40 -3.86
CA LEU A 317 -2.65 -22.45 -3.18
C LEU A 317 -2.86 -22.55 -1.68
N GLU A 318 -4.14 -22.64 -1.26
CA GLU A 318 -4.49 -22.85 0.14
C GLU A 318 -3.83 -24.13 0.64
N LEU A 319 -3.93 -25.20 -0.16
CA LEU A 319 -3.22 -26.44 0.14
C LEU A 319 -1.78 -26.13 0.54
N LYS A 320 -1.02 -25.51 -0.38
CA LYS A 320 0.42 -25.36 -0.25
C LYS A 320 0.77 -24.58 1.02
N ARG A 321 -0.14 -23.69 1.43
CA ARG A 321 0.04 -22.84 2.60
C ARG A 321 -0.12 -23.67 3.87
N ALA A 322 -1.25 -24.39 3.96
CA ALA A 322 -1.51 -25.30 5.07
C ALA A 322 -0.38 -26.34 5.18
N ASP A 323 0.08 -26.87 4.06
CA ASP A 323 1.12 -27.89 4.03
C ASP A 323 2.39 -27.41 4.74
N TRP A 324 2.83 -26.20 4.41
CA TRP A 324 4.03 -25.63 5.03
C TRP A 324 3.77 -25.27 6.50
N LEU A 325 2.49 -25.02 6.83
CA LEU A 325 2.05 -24.66 8.17
C LEU A 325 2.08 -25.88 9.08
N ALA A 326 1.57 -27.01 8.58
CA ALA A 326 1.55 -28.26 9.32
C ALA A 326 2.97 -28.80 9.50
N ARG A 327 3.78 -28.72 8.44
CA ARG A 327 5.11 -29.31 8.42
C ARG A 327 6.03 -28.62 9.43
N LEU A 328 5.90 -27.28 9.52
CA LEU A 328 6.80 -26.46 10.33
C LEU A 328 6.26 -26.26 11.74
N GLY A 329 5.02 -26.70 11.98
CA GLY A 329 4.40 -26.59 13.30
C GLY A 329 4.05 -27.95 13.88
N THR A 330 4.85 -28.96 13.52
CA THR A 330 4.74 -30.30 14.05
C THR A 330 5.93 -30.53 15.00
N ALA B 1 12.46 37.73 -15.50
CA ALA B 1 13.47 38.75 -15.97
C ALA B 1 14.85 38.10 -16.05
N ALA B 2 14.88 36.76 -15.98
CA ALA B 2 16.06 35.92 -16.14
C ALA B 2 16.93 35.88 -14.89
N HIS B 3 16.80 36.90 -14.03
CA HIS B 3 17.34 36.83 -12.68
C HIS B 3 16.43 35.96 -11.82
N HIS B 4 15.44 35.35 -12.48
CA HIS B 4 14.43 34.51 -11.86
C HIS B 4 14.79 33.04 -12.08
N ARG B 5 15.56 32.78 -13.14
CA ARG B 5 16.06 31.43 -13.39
C ARG B 5 17.25 31.17 -12.46
N MET B 6 18.06 32.21 -12.26
CA MET B 6 19.23 32.14 -11.38
C MET B 6 18.76 32.00 -9.93
N ARG B 7 17.64 32.67 -9.59
CA ARG B 7 17.07 32.65 -8.26
C ARG B 7 16.55 31.26 -7.94
N TRP B 8 15.80 30.68 -8.89
CA TRP B 8 15.11 29.42 -8.66
C TRP B 8 16.09 28.25 -8.60
N ARG B 9 17.20 28.35 -9.34
CA ARG B 9 18.24 27.35 -9.32
C ARG B 9 19.03 27.48 -8.02
N ALA B 10 19.16 28.71 -7.52
CA ALA B 10 19.85 28.98 -6.27
C ALA B 10 19.04 28.42 -5.10
N ASP B 11 17.70 28.54 -5.19
CA ASP B 11 16.76 28.02 -4.21
C ASP B 11 16.90 26.51 -4.09
N GLY B 12 16.97 25.81 -5.23
CA GLY B 12 17.12 24.37 -5.27
C GLY B 12 18.46 23.91 -4.69
N ARG B 13 19.54 24.54 -5.14
CA ARG B 13 20.89 24.18 -4.74
C ARG B 13 21.06 24.39 -3.23
N SER B 14 20.18 25.20 -2.64
CA SER B 14 20.37 25.63 -1.25
C SER B 14 19.83 24.58 -0.28
N LEU B 15 18.90 23.73 -0.74
CA LEU B 15 18.26 22.77 0.13
C LEU B 15 19.19 21.57 0.36
N GLU B 16 19.10 20.99 1.56
CA GLU B 16 19.91 19.84 1.94
C GLU B 16 19.78 18.75 0.87
N LYS B 17 18.57 18.62 0.31
CA LYS B 17 18.30 17.69 -0.78
C LYS B 17 17.05 18.11 -1.56
N LEU B 18 16.94 17.59 -2.79
CA LEU B 18 15.81 17.87 -3.68
C LEU B 18 15.26 16.54 -4.18
N PRO B 19 13.96 16.43 -4.48
CA PRO B 19 13.46 15.20 -5.08
C PRO B 19 13.92 15.12 -6.54
N VAL B 20 14.35 13.91 -6.95
CA VAL B 20 14.71 13.64 -8.32
C VAL B 20 13.39 13.51 -9.10
N HIS B 21 12.43 12.87 -8.45
CA HIS B 21 11.12 12.62 -9.02
C HIS B 21 10.04 13.06 -8.03
N MET B 22 9.23 14.04 -8.45
CA MET B 22 8.12 14.54 -7.65
C MET B 22 6.80 14.08 -8.24
N GLY B 23 5.88 13.67 -7.36
CA GLY B 23 4.50 13.40 -7.75
C GLY B 23 3.59 14.53 -7.28
N LEU B 24 2.57 14.84 -8.10
CA LEU B 24 1.53 15.79 -7.74
C LEU B 24 0.19 15.09 -7.83
N VAL B 25 -0.39 14.84 -6.65
CA VAL B 25 -1.64 14.12 -6.56
C VAL B 25 -2.73 15.13 -6.20
N ILE B 26 -3.80 15.15 -7.01
CA ILE B 26 -4.90 16.07 -6.81
C ILE B 26 -6.15 15.24 -6.50
N THR B 27 -6.73 15.50 -5.34
CA THR B 27 -7.82 14.68 -4.82
C THR B 27 -9.15 15.40 -5.00
N GLU B 28 -9.08 16.71 -5.28
CA GLU B 28 -10.23 17.62 -5.24
C GLU B 28 -11.13 17.34 -6.43
N VAL B 29 -12.44 17.21 -6.16
CA VAL B 29 -13.42 16.85 -7.18
C VAL B 29 -14.56 17.85 -7.22
N GLU B 30 -14.36 19.03 -6.60
CA GLU B 30 -15.36 20.07 -6.53
C GLU B 30 -15.53 20.71 -7.91
N GLN B 31 -14.41 21.07 -8.55
CA GLN B 31 -14.42 21.74 -9.84
C GLN B 31 -13.86 20.80 -10.92
N SER B 34 -8.89 23.14 -14.12
CA SER B 34 -8.02 24.20 -13.53
C SER B 34 -6.56 23.83 -13.72
N PHE B 35 -5.96 24.38 -14.78
CA PHE B 35 -4.77 23.82 -15.38
C PHE B 35 -3.54 24.71 -15.17
N SER B 36 -3.74 26.01 -14.95
CA SER B 36 -2.65 26.97 -14.91
C SER B 36 -1.83 26.82 -13.63
N ASP B 37 -2.53 26.48 -12.54
CA ASP B 37 -1.92 26.23 -11.25
C ASP B 37 -1.01 25.01 -11.34
N ILE B 38 -1.57 23.89 -11.81
CA ILE B 38 -0.82 22.65 -11.96
C ILE B 38 0.40 22.91 -12.84
N ALA B 39 0.21 23.70 -13.92
CA ALA B 39 1.29 24.01 -14.84
C ALA B 39 2.37 24.83 -14.14
N SER B 40 1.96 25.75 -13.25
CA SER B 40 2.88 26.57 -12.49
C SER B 40 3.73 25.68 -11.56
N LEU B 41 3.06 24.73 -10.90
CA LEU B 41 3.79 23.77 -10.07
C LEU B 41 4.85 23.04 -10.92
N VAL B 42 4.44 22.50 -12.08
CA VAL B 42 5.33 21.71 -12.92
C VAL B 42 6.59 22.53 -13.26
N VAL B 43 6.39 23.78 -13.68
CA VAL B 43 7.53 24.57 -14.18
C VAL B 43 8.44 24.97 -13.02
N TRP B 44 7.84 25.28 -11.86
CA TRP B 44 8.59 25.52 -10.64
C TRP B 44 9.50 24.32 -10.34
N CYS B 45 8.92 23.11 -10.40
CA CYS B 45 9.70 21.90 -10.23
C CYS B 45 10.91 21.90 -11.16
N MET B 46 10.67 22.20 -12.45
CA MET B 46 11.72 22.18 -13.45
C MET B 46 12.74 23.28 -13.18
N ALA B 47 12.25 24.44 -12.74
CA ALA B 47 13.09 25.60 -12.48
C ALA B 47 14.04 25.36 -11.31
N VAL B 48 13.59 24.67 -10.25
CA VAL B 48 14.39 24.45 -9.05
C VAL B 48 15.40 23.33 -9.29
N GLY B 49 15.03 22.33 -10.11
CA GLY B 49 15.99 21.35 -10.57
C GLY B 49 15.51 19.92 -10.41
N ILE B 50 14.20 19.73 -10.28
CA ILE B 50 13.63 18.39 -10.18
C ILE B 50 13.51 17.80 -11.58
N SER B 51 14.01 16.55 -11.74
CA SER B 51 14.14 15.91 -13.03
C SER B 51 12.78 15.50 -13.59
N TYR B 52 11.99 14.79 -12.78
CA TYR B 52 10.73 14.23 -13.25
C TYR B 52 9.58 14.71 -12.38
N ILE B 53 8.42 14.88 -13.02
CA ILE B 53 7.20 15.29 -12.36
C ILE B 53 6.07 14.43 -12.92
N SER B 54 5.36 13.74 -12.01
CA SER B 54 4.15 13.02 -12.37
C SER B 54 2.95 13.83 -11.93
N VAL B 55 1.88 13.81 -12.73
CA VAL B 55 0.64 14.47 -12.41
C VAL B 55 -0.45 13.40 -12.40
N TYR B 56 -1.25 13.36 -11.33
CA TYR B 56 -2.15 12.25 -11.12
C TYR B 56 -3.49 12.76 -10.63
N ASP B 57 -4.57 12.18 -11.16
CA ASP B 57 -5.87 12.30 -10.53
C ASP B 57 -6.63 10.99 -10.71
N HIS B 58 -7.48 10.66 -9.74
CA HIS B 58 -8.07 9.34 -9.68
C HIS B 58 -9.20 9.22 -10.70
N GLN B 59 -9.65 10.37 -11.23
CA GLN B 59 -10.74 10.38 -12.18
C GLN B 59 -10.22 10.48 -13.63
N GLY B 60 -8.89 10.47 -13.77
CA GLY B 60 -8.23 10.41 -15.07
C GLY B 60 -8.44 11.65 -15.93
N ILE B 61 -8.96 12.72 -15.31
CA ILE B 61 -9.24 13.99 -15.98
C ILE B 61 -7.99 14.52 -16.67
N PHE B 62 -6.82 14.39 -16.05
CA PHE B 62 -5.59 14.90 -16.66
C PHE B 62 -5.16 14.05 -17.84
N LYS B 63 -5.36 12.73 -17.76
CA LYS B 63 -5.02 11.85 -18.85
C LYS B 63 -5.82 12.24 -20.10
N ARG B 64 -7.12 12.47 -19.89
CA ARG B 64 -8.06 12.81 -20.95
C ARG B 64 -7.83 14.24 -21.45
N ASN B 65 -6.94 14.99 -20.80
CA ASN B 65 -6.71 16.38 -21.15
C ASN B 65 -5.23 16.65 -21.30
N ASN B 66 -4.48 15.62 -21.70
CA ASN B 66 -3.02 15.69 -21.73
C ASN B 66 -2.57 16.95 -22.49
N SER B 67 -3.18 17.19 -23.65
CA SER B 67 -2.74 18.22 -24.57
C SER B 67 -2.96 19.61 -23.98
N ARG B 68 -4.20 19.87 -23.53
CA ARG B 68 -4.59 21.10 -22.88
C ARG B 68 -3.66 21.39 -21.70
N LEU B 69 -3.18 20.33 -21.02
CA LEU B 69 -2.26 20.50 -19.91
C LEU B 69 -0.87 20.87 -20.40
N MET B 70 -0.35 20.11 -21.37
CA MET B 70 0.98 20.37 -21.92
C MET B 70 1.00 21.73 -22.63
N ASP B 71 -0.18 22.19 -23.06
CA ASP B 71 -0.34 23.49 -23.70
C ASP B 71 0.05 24.59 -22.72
N GLU B 72 -0.51 24.51 -21.50
CA GLU B 72 -0.32 25.52 -20.46
C GLU B 72 1.12 25.43 -19.93
N ILE B 73 1.62 24.21 -19.79
CA ILE B 73 2.96 23.96 -19.30
C ILE B 73 3.97 24.64 -20.25
N LEU B 74 3.79 24.43 -21.56
CA LEU B 74 4.69 25.04 -22.53
C LEU B 74 4.55 26.56 -22.53
N LYS B 75 3.32 27.07 -22.35
CA LYS B 75 3.08 28.50 -22.28
C LYS B 75 3.81 29.10 -21.08
N GLN B 76 3.36 28.69 -19.87
CA GLN B 76 3.88 29.17 -18.61
C GLN B 76 5.41 29.05 -18.59
N GLN B 77 5.92 28.04 -19.31
CA GLN B 77 7.32 27.66 -19.28
C GLN B 77 8.19 28.68 -20.04
N GLN B 78 7.67 29.21 -21.15
CA GLN B 78 8.42 30.11 -22.00
C GLN B 78 8.55 31.49 -21.34
N GLU B 79 7.42 31.99 -20.81
CA GLU B 79 7.32 33.28 -20.13
C GLU B 79 8.42 33.41 -19.08
N LEU B 80 8.75 32.29 -18.43
CA LEU B 80 9.68 32.22 -17.30
C LEU B 80 10.84 31.30 -17.67
N LYS B 98 10.97 25.39 -30.24
CA LYS B 98 9.61 24.99 -29.78
C LYS B 98 9.53 23.46 -29.67
N ASP B 99 10.37 22.77 -30.46
CA ASP B 99 10.30 21.33 -30.64
C ASP B 99 11.20 20.62 -29.64
N ASP B 100 12.33 21.24 -29.29
CA ASP B 100 13.20 20.76 -28.23
C ASP B 100 12.54 21.02 -26.88
N GLN B 101 11.77 22.12 -26.79
CA GLN B 101 11.02 22.49 -25.62
C GLN B 101 9.83 21.54 -25.41
N VAL B 102 9.30 20.99 -26.51
CA VAL B 102 8.18 20.06 -26.44
C VAL B 102 8.68 18.65 -26.08
N LEU B 103 9.94 18.36 -26.41
CA LEU B 103 10.51 17.04 -26.13
C LEU B 103 10.92 16.93 -24.67
N ASN B 104 11.34 18.06 -24.07
CA ASN B 104 11.87 18.11 -22.72
C ASN B 104 10.75 18.03 -21.67
N CYS B 105 9.54 18.44 -22.06
CA CYS B 105 8.37 18.37 -21.20
C CYS B 105 7.75 16.98 -21.26
N HIS B 106 7.82 16.33 -22.43
CA HIS B 106 7.29 14.99 -22.63
C HIS B 106 8.14 13.96 -21.87
N LEU B 107 9.44 14.27 -21.71
CA LEU B 107 10.39 13.38 -21.04
C LEU B 107 10.24 13.53 -19.52
N ALA B 108 10.13 14.77 -19.06
CA ALA B 108 10.21 15.13 -17.66
C ALA B 108 8.84 15.04 -16.99
N VAL B 109 7.78 15.14 -17.79
CA VAL B 109 6.41 15.18 -17.27
C VAL B 109 5.65 13.94 -17.73
N LYS B 110 5.06 13.23 -16.76
CA LYS B 110 4.18 12.11 -17.03
C LYS B 110 2.79 12.42 -16.46
N VAL B 111 1.74 12.10 -17.22
CA VAL B 111 0.38 12.28 -16.74
C VAL B 111 -0.23 10.91 -16.48
N LEU B 112 -0.69 10.69 -15.24
CA LEU B 112 -1.08 9.36 -14.79
C LEU B 112 -2.53 9.34 -14.31
N SER B 113 -3.10 8.14 -14.39
CA SER B 113 -4.41 7.79 -13.85
C SER B 113 -4.24 6.48 -13.07
N PRO B 114 -5.32 5.93 -12.46
CA PRO B 114 -5.21 4.66 -11.75
C PRO B 114 -4.56 3.53 -12.56
N GLU B 115 -4.89 3.44 -13.86
CA GLU B 115 -4.42 2.32 -14.67
C GLU B 115 -2.89 2.25 -14.72
N ASP B 116 -2.22 3.30 -14.24
CA ASP B 116 -0.77 3.33 -14.22
C ASP B 116 -0.22 2.68 -12.96
N GLY B 117 -1.14 2.30 -12.06
CA GLY B 117 -0.77 1.71 -10.78
C GLY B 117 -0.90 0.19 -10.80
N LYS B 118 -2.00 -0.29 -10.22
CA LYS B 118 -2.22 -1.71 -10.02
C LYS B 118 -2.41 -2.43 -11.37
N ALA B 119 -3.16 -1.80 -12.28
CA ALA B 119 -3.43 -2.40 -13.58
C ALA B 119 -2.11 -2.70 -14.29
N ASP B 120 -1.11 -1.84 -14.09
CA ASP B 120 0.18 -1.99 -14.73
C ASP B 120 0.96 -3.13 -14.06
N ILE B 121 0.64 -3.42 -12.79
CA ILE B 121 1.34 -4.49 -12.10
C ILE B 121 0.79 -5.83 -12.58
N VAL B 122 -0.53 -5.87 -12.80
CA VAL B 122 -1.17 -6.99 -13.47
C VAL B 122 -0.57 -7.17 -14.86
N ARG B 123 -0.48 -6.07 -15.62
CA ARG B 123 0.09 -6.07 -16.96
C ARG B 123 1.42 -6.79 -16.95
N ALA B 124 2.31 -6.42 -16.02
CA ALA B 124 3.63 -7.01 -15.93
C ALA B 124 3.55 -8.46 -15.46
N ALA B 125 2.60 -8.74 -14.54
CA ALA B 125 2.47 -10.10 -14.03
C ALA B 125 2.26 -11.04 -15.22
N GLN B 126 1.36 -10.65 -16.11
CA GLN B 126 1.02 -11.40 -17.32
C GLN B 126 2.26 -11.63 -18.19
N ASP B 127 3.09 -10.58 -18.34
CA ASP B 127 4.25 -10.62 -19.21
C ASP B 127 5.29 -11.60 -18.68
N PHE B 128 5.21 -11.92 -17.39
CA PHE B 128 6.16 -12.83 -16.79
C PHE B 128 5.63 -14.26 -16.85
N CYS B 129 4.31 -14.41 -16.91
CA CYS B 129 3.71 -15.73 -16.88
C CYS B 129 3.70 -16.37 -18.27
N GLN B 130 3.87 -15.55 -19.33
CA GLN B 130 4.01 -16.07 -20.67
C GLN B 130 5.43 -16.62 -20.83
N LEU B 131 6.41 -15.90 -20.29
CA LEU B 131 7.79 -16.35 -20.24
C LEU B 131 7.90 -17.60 -19.37
N VAL B 132 6.89 -17.83 -18.51
CA VAL B 132 6.81 -19.03 -17.71
C VAL B 132 6.17 -20.14 -18.54
N ALA B 133 5.18 -19.79 -19.37
CA ALA B 133 4.58 -20.73 -20.30
C ALA B 133 5.62 -21.14 -21.35
N GLN B 134 6.51 -20.21 -21.70
CA GLN B 134 7.49 -20.38 -22.77
C GLN B 134 8.64 -21.27 -22.31
N LYS B 135 8.60 -21.68 -21.04
CA LYS B 135 9.69 -22.39 -20.41
C LYS B 135 10.98 -21.57 -20.52
N GLN B 136 10.81 -20.25 -20.68
CA GLN B 136 11.91 -19.29 -20.73
C GLN B 136 12.31 -18.87 -19.31
N LYS B 137 11.31 -18.67 -18.45
CA LYS B 137 11.56 -18.26 -17.07
C LYS B 137 10.87 -19.24 -16.11
N ARG B 138 11.53 -19.46 -14.96
CA ARG B 138 10.97 -20.21 -13.85
C ARG B 138 10.34 -19.22 -12.86
N PRO B 139 9.18 -19.56 -12.24
CA PRO B 139 8.59 -18.72 -11.19
C PRO B 139 9.60 -18.12 -10.23
N THR B 140 10.65 -18.89 -9.93
CA THR B 140 11.65 -18.60 -8.91
C THR B 140 12.55 -17.42 -9.33
N ASP B 141 12.55 -17.07 -10.61
CA ASP B 141 13.45 -16.06 -11.15
C ASP B 141 12.94 -14.64 -10.83
N LEU B 142 11.68 -14.55 -10.36
CA LEU B 142 11.02 -13.28 -10.10
C LEU B 142 11.22 -12.87 -8.64
N ASP B 143 12.42 -12.39 -8.32
CA ASP B 143 12.64 -11.71 -7.06
C ASP B 143 11.98 -10.34 -7.09
N VAL B 144 12.23 -9.55 -6.04
CA VAL B 144 11.67 -8.21 -5.97
C VAL B 144 12.22 -7.41 -7.14
N ASP B 145 13.54 -7.49 -7.31
CA ASP B 145 14.32 -6.62 -8.18
C ASP B 145 13.92 -6.83 -9.64
N THR B 146 13.55 -8.06 -9.98
CA THR B 146 13.14 -8.35 -11.34
C THR B 146 11.82 -7.63 -11.63
N LEU B 147 10.85 -7.80 -10.73
CA LEU B 147 9.57 -7.12 -10.82
C LEU B 147 9.75 -5.61 -10.95
N ALA B 148 10.68 -5.05 -10.16
CA ALA B 148 11.02 -3.64 -10.20
C ALA B 148 11.46 -3.22 -11.61
N SER B 149 12.28 -4.05 -12.27
CA SER B 149 12.78 -3.81 -13.61
C SER B 149 11.62 -3.85 -14.60
N LEU B 150 10.78 -4.89 -14.49
CA LEU B 150 9.62 -5.05 -15.34
C LEU B 150 8.68 -3.86 -15.17
N LEU B 151 8.94 -3.06 -14.13
CA LEU B 151 8.05 -1.98 -13.74
C LEU B 151 8.76 -0.62 -13.84
N SER B 152 9.89 -0.57 -14.53
CA SER B 152 10.61 0.69 -14.70
C SER B 152 10.18 1.36 -15.99
N SER B 153 10.57 2.63 -16.13
CA SER B 153 10.58 3.31 -17.42
C SER B 153 11.96 3.17 -18.03
N ASN B 154 12.71 4.29 -18.08
CA ASN B 154 14.11 4.28 -18.45
C ASN B 154 14.91 4.99 -17.36
N GLY B 155 14.81 6.32 -17.33
CA GLY B 155 15.47 7.15 -16.33
C GLY B 155 14.66 7.27 -15.05
N CYS B 156 13.33 7.36 -15.20
CA CYS B 156 12.39 7.61 -14.12
C CYS B 156 12.68 6.70 -12.93
N PRO B 157 13.16 7.23 -11.78
CA PRO B 157 13.21 6.50 -10.52
C PRO B 157 11.86 6.59 -9.80
N ASP B 158 11.79 5.99 -8.60
CA ASP B 158 10.60 6.12 -7.76
C ASP B 158 10.49 7.56 -7.24
N PRO B 159 9.27 8.14 -7.19
CA PRO B 159 9.08 9.49 -6.65
C PRO B 159 9.49 9.52 -5.18
N ASP B 160 10.29 10.53 -4.83
CA ASP B 160 10.78 10.71 -3.48
C ASP B 160 9.77 11.53 -2.68
N LEU B 161 9.10 12.47 -3.36
CA LEU B 161 8.19 13.39 -2.72
C LEU B 161 6.90 13.44 -3.50
N VAL B 162 5.77 13.21 -2.81
CA VAL B 162 4.46 13.46 -3.38
C VAL B 162 3.78 14.61 -2.63
N LEU B 163 3.39 15.63 -3.38
CA LEU B 163 2.57 16.72 -2.89
C LEU B 163 1.10 16.36 -3.12
N LYS B 164 0.37 16.09 -2.04
CA LYS B 164 -1.04 15.76 -2.13
C LYS B 164 -1.86 17.02 -1.86
N PHE B 165 -2.73 17.37 -2.82
CA PHE B 165 -3.61 18.53 -2.75
C PHE B 165 -5.05 18.09 -2.54
N GLY B 166 -5.77 18.79 -1.66
CA GLY B 166 -7.20 18.58 -1.51
C GLY B 166 -7.55 17.99 -0.15
N PRO B 167 -8.84 17.65 0.07
CA PRO B 167 -9.31 17.22 1.39
C PRO B 167 -9.13 15.74 1.74
N VAL B 168 -8.72 14.91 0.76
CA VAL B 168 -8.74 13.46 0.93
C VAL B 168 -7.39 12.95 1.45
N ASP B 169 -7.45 12.18 2.55
CA ASP B 169 -6.27 11.57 3.13
C ASP B 169 -6.06 10.18 2.53
N SER B 170 -5.61 10.16 1.27
CA SER B 170 -5.42 8.94 0.50
C SER B 170 -4.63 9.23 -0.77
N THR B 171 -3.83 8.25 -1.20
CA THR B 171 -3.09 8.36 -2.44
C THR B 171 -4.00 7.96 -3.61
N LEU B 172 -5.13 7.35 -3.26
CA LEU B 172 -6.22 7.08 -4.19
C LEU B 172 -5.73 6.33 -5.43
N GLY B 173 -4.78 5.41 -5.25
CA GLY B 173 -4.38 4.53 -6.33
C GLY B 173 -3.06 4.95 -6.98
N PHE B 174 -2.42 5.99 -6.44
CA PHE B 174 -1.18 6.48 -7.03
C PHE B 174 -0.06 5.48 -6.81
N LEU B 175 0.55 5.02 -7.92
CA LEU B 175 1.70 4.13 -8.05
C LEU B 175 2.00 3.33 -6.78
N PRO B 176 1.08 2.43 -6.32
CA PRO B 176 1.27 1.72 -5.06
C PRO B 176 2.63 1.05 -4.87
N TRP B 177 3.20 0.52 -5.97
CA TRP B 177 4.46 -0.20 -5.92
C TRP B 177 5.61 0.78 -5.62
N HIS B 178 5.57 1.96 -6.25
CA HIS B 178 6.72 2.83 -6.32
C HIS B 178 6.77 3.78 -5.13
N ILE B 179 5.68 3.80 -4.35
CA ILE B 179 5.41 4.84 -3.38
C ILE B 179 5.78 4.36 -1.98
N ARG B 180 6.79 3.48 -1.90
CA ARG B 180 7.07 2.72 -0.69
C ARG B 180 7.94 3.52 0.28
N LEU B 181 8.63 4.56 -0.21
CA LEU B 181 9.51 5.33 0.64
C LEU B 181 9.27 6.82 0.42
N THR B 182 8.31 7.13 -0.46
CA THR B 182 7.92 8.49 -0.81
C THR B 182 7.47 9.24 0.45
N GLU B 183 8.09 10.39 0.71
CA GLU B 183 7.57 11.33 1.67
C GLU B 183 6.30 11.97 1.10
N ILE B 184 5.21 11.94 1.88
CA ILE B 184 3.92 12.44 1.43
C ILE B 184 3.63 13.75 2.18
N VAL B 185 3.56 14.87 1.45
CA VAL B 185 3.26 16.16 2.06
C VAL B 185 1.90 16.63 1.57
N SER B 186 1.04 17.07 2.51
CA SER B 186 -0.33 17.45 2.23
C SER B 186 -0.50 18.97 2.22
N LEU B 187 -1.18 19.49 1.19
CA LEU B 187 -1.56 20.89 1.12
C LEU B 187 -3.07 20.97 0.87
N PRO B 188 -3.79 21.92 1.51
CA PRO B 188 -5.25 21.92 1.46
C PRO B 188 -5.84 22.13 0.08
N SER B 189 -5.12 22.84 -0.80
CA SER B 189 -5.63 23.08 -2.14
C SER B 189 -4.52 23.50 -3.10
N HIS B 190 -4.74 23.27 -4.39
CA HIS B 190 -3.83 23.74 -5.42
C HIS B 190 -4.34 25.04 -6.06
N LEU B 191 -5.52 25.52 -5.62
CA LEU B 191 -6.29 26.51 -6.36
C LEU B 191 -5.52 27.79 -6.63
N ASN B 192 -4.77 28.32 -5.65
CA ASN B 192 -4.10 29.58 -5.93
C ASN B 192 -2.62 29.50 -5.53
N ILE B 193 -2.07 28.29 -5.61
CA ILE B 193 -0.81 27.92 -4.97
C ILE B 193 0.30 28.93 -5.31
N SER B 194 1.01 29.34 -4.26
CA SER B 194 2.09 30.31 -4.36
C SER B 194 3.44 29.60 -4.35
N TYR B 195 4.46 30.27 -4.90
CA TYR B 195 5.80 29.71 -4.92
C TYR B 195 6.25 29.40 -3.50
N GLU B 196 6.07 30.36 -2.58
CA GLU B 196 6.48 30.22 -1.19
C GLU B 196 5.84 28.97 -0.57
N ASP B 197 4.60 28.65 -0.98
CA ASP B 197 3.89 27.48 -0.46
C ASP B 197 4.54 26.21 -1.00
N PHE B 198 4.96 26.26 -2.27
CA PHE B 198 5.57 25.13 -2.94
C PHE B 198 6.92 24.86 -2.29
N PHE B 199 7.69 25.93 -2.08
CA PHE B 199 9.03 25.80 -1.57
C PHE B 199 8.98 25.31 -0.11
N SER B 200 7.94 25.74 0.62
CA SER B 200 7.77 25.29 1.99
C SER B 200 7.73 23.76 2.07
N ALA B 201 7.05 23.14 1.09
CA ALA B 201 6.96 21.70 1.00
C ALA B 201 8.34 21.09 0.74
N LEU B 202 9.13 21.77 -0.09
CA LEU B 202 10.47 21.32 -0.45
C LEU B 202 11.40 21.37 0.76
N ARG B 203 11.22 22.40 1.60
CA ARG B 203 11.99 22.53 2.83
C ARG B 203 11.59 21.40 3.78
N GLN B 204 10.30 21.05 3.78
CA GLN B 204 9.87 19.93 4.60
C GLN B 204 10.61 18.66 4.18
N TYR B 205 10.66 18.40 2.86
CA TYR B 205 11.25 17.18 2.34
C TYR B 205 12.76 17.17 2.60
N ALA B 206 13.38 18.35 2.54
CA ALA B 206 14.81 18.44 2.68
C ALA B 206 15.24 18.10 4.11
N ALA B 207 14.34 18.31 5.08
CA ALA B 207 14.67 18.19 6.48
C ALA B 207 14.31 16.79 7.00
N CYS B 208 13.67 15.98 6.15
CA CYS B 208 13.21 14.67 6.58
C CYS B 208 14.40 13.72 6.76
N GLU B 209 14.27 12.83 7.75
CA GLU B 209 15.25 11.80 8.06
C GLU B 209 14.77 10.47 7.49
N GLN B 210 15.63 9.85 6.66
CA GLN B 210 15.37 8.58 6.02
C GLN B 210 16.34 7.54 6.58
N ARG B 211 15.79 6.54 7.30
CA ARG B 211 16.58 5.57 8.02
C ARG B 211 16.72 4.28 7.22
N LEU B 212 15.70 3.97 6.42
CA LEU B 212 15.69 2.85 5.50
C LEU B 212 15.77 1.53 6.27
N GLY B 213 15.16 1.47 7.46
CA GLY B 213 15.00 0.22 8.19
C GLY B 213 16.01 0.03 9.30
N LYS B 214 17.09 0.83 9.29
CA LYS B 214 18.13 0.77 10.31
C LYS B 214 17.74 1.65 11.50
MG MG C . 12.41 3.78 12.75
C1 IPE D . 9.31 0.57 15.37
O1 IPE D . 10.17 1.42 16.14
C2 IPE D . 9.56 -0.91 15.71
C3 IPE D . 10.38 -1.72 14.69
C4 IPE D . 10.68 -3.18 15.00
C5 IPE D . 10.88 -1.10 13.36
PA IPE D . 11.72 1.62 15.77
O1A IPE D . 12.56 0.44 16.12
O2A IPE D . 11.74 1.97 14.18
O3A IPE D . 12.22 2.92 16.58
PB IPE D . 12.40 4.34 15.82
O1B IPE D . 13.94 4.38 15.29
O2B IPE D . 12.28 5.47 16.98
O3B IPE D . 11.42 4.56 14.71
C1 IPE E . 8.79 0.70 10.39
O1 IPE E . 10.05 0.77 9.81
C2 IPE E . 8.75 -0.79 10.63
C3 IPE E . 7.88 -1.27 11.75
C4 IPE E . 7.85 -2.76 12.06
C5 IPE E . 7.02 -0.26 12.54
PA IPE E . 11.11 1.82 10.20
O1A IPE E . 10.97 2.59 11.48
O2A IPE E . 12.54 1.08 10.22
O3A IPE E . 11.02 2.63 8.78
PB IPE E . 11.94 3.87 8.41
O1B IPE E . 11.62 4.00 6.80
O2B IPE E . 13.50 3.47 8.61
O3B IPE E . 11.61 5.10 9.19
#